data_3NQW
#
_entry.id   3NQW
#
_cell.length_a   50.000
_cell.length_b   71.400
_cell.length_c   49.900
_cell.angle_alpha   90.000
_cell.angle_beta   101.400
_cell.angle_gamma   90.000
#
_symmetry.space_group_name_H-M   'P 1 21 1'
#
loop_
_entity.id
_entity.type
_entity.pdbx_description
1 polymer CG11900
2 non-polymer 'MANGANESE (II) ION'
3 non-polymer 'SULFATE ION'
4 water water
#
_entity_poly.entity_id   1
_entity_poly.type   'polypeptide(L)'
_entity_poly.pdbx_seq_one_letter_code
;MATYPSAKFMECLQYAAFKHRQQRRKDPQETPYVNHVINVSTILSVEACITDEGVLMAALLHDVVEDTDASFEDVEKLFG
PDVCGLVREVTDDKSLEKQERKRLQIENAAKSSCRAKLIKLADKLDNLRDLQVNTPTGWTQERRDQYFVWAKKVVDNLRG
TNANLELKLDEIFRQRGLL
;
_entity_poly.pdbx_strand_id   A,B
#
# COMPACT_ATOMS: atom_id res chain seq x y z
N ALA A 2 -13.97 -15.04 -6.06
CA ALA A 2 -15.11 -15.04 -5.11
C ALA A 2 -14.76 -14.26 -3.83
N THR A 3 -13.52 -13.79 -3.73
CA THR A 3 -13.09 -13.04 -2.56
C THR A 3 -12.72 -11.59 -2.88
N TYR A 4 -12.66 -10.76 -1.85
CA TYR A 4 -12.32 -9.36 -1.97
C TYR A 4 -12.07 -8.78 -0.60
N PRO A 5 -11.17 -7.79 -0.52
CA PRO A 5 -10.85 -7.16 0.76
C PRO A 5 -11.99 -6.26 1.18
N SER A 6 -12.27 -6.28 2.48
CA SER A 6 -13.32 -5.49 3.10
C SER A 6 -13.00 -4.01 3.04
N ALA A 7 -13.98 -3.18 3.40
CA ALA A 7 -13.80 -1.72 3.43
C ALA A 7 -12.89 -1.37 4.59
N LYS A 8 -12.80 -2.26 5.56
CA LYS A 8 -11.95 -2.05 6.71
C LYS A 8 -10.48 -2.30 6.36
N PHE A 9 -10.21 -3.37 5.62
CA PHE A 9 -8.85 -3.70 5.21
C PHE A 9 -8.29 -2.58 4.31
N MET A 10 -9.18 -1.88 3.64
CA MET A 10 -8.76 -0.82 2.77
C MET A 10 -8.50 0.44 3.57
N GLU A 11 -9.33 0.66 4.58
CA GLU A 11 -9.18 1.82 5.47
C GLU A 11 -7.92 1.62 6.32
N CYS A 12 -7.58 0.35 6.54
CA CYS A 12 -6.41 0.01 7.30
C CYS A 12 -5.17 0.17 6.41
N LEU A 13 -5.29 -0.26 5.16
CA LEU A 13 -4.20 -0.16 4.19
C LEU A 13 -3.89 1.32 4.03
N GLN A 14 -4.96 2.09 3.90
CA GLN A 14 -4.88 3.54 3.74
C GLN A 14 -4.25 4.17 4.97
N TYR A 15 -4.69 3.72 6.14
CA TYR A 15 -4.18 4.24 7.38
C TYR A 15 -2.68 3.94 7.54
N ALA A 16 -2.30 2.70 7.30
CA ALA A 16 -0.90 2.35 7.40
C ALA A 16 -0.10 3.29 6.48
N ALA A 17 -0.53 3.39 5.23
CA ALA A 17 0.08 4.25 4.20
C ALA A 17 0.20 5.73 4.56
N PHE A 18 -0.75 6.20 5.37
CA PHE A 18 -0.80 7.60 5.79
C PHE A 18 0.15 7.91 6.93
N LYS A 19 0.04 7.14 8.00
CA LYS A 19 0.86 7.31 9.19
C LYS A 19 2.36 7.15 8.85
N HIS A 20 2.67 6.23 7.95
CA HIS A 20 4.06 5.99 7.55
C HIS A 20 4.53 6.97 6.45
N ARG A 21 3.59 7.65 5.78
CA ARG A 21 3.91 8.55 4.67
C ARG A 21 5.29 9.24 4.65
N GLN A 22 5.79 9.64 5.81
CA GLN A 22 7.09 10.32 5.94
C GLN A 22 8.26 9.38 6.21
N GLN A 23 7.95 8.20 6.72
CA GLN A 23 8.98 7.20 7.05
C GLN A 23 9.56 6.52 5.82
N ARG A 24 10.87 6.29 5.85
CA ARG A 24 11.54 5.65 4.73
C ARG A 24 12.46 4.51 5.21
N ARG A 25 12.69 3.53 4.34
CA ARG A 25 13.54 2.39 4.69
C ARG A 25 15.02 2.76 4.61
N LYS A 26 15.85 2.02 5.33
CA LYS A 26 17.28 2.26 5.35
C LYS A 26 18.01 1.53 4.22
N ASP A 27 18.05 2.18 3.06
CA ASP A 27 18.72 1.61 1.90
C ASP A 27 19.29 2.75 1.09
N PRO A 28 20.08 2.44 0.05
CA PRO A 28 20.61 3.57 -0.72
C PRO A 28 19.51 4.41 -1.38
N GLN A 29 18.51 3.74 -1.93
CA GLN A 29 17.42 4.42 -2.60
C GLN A 29 16.45 5.18 -1.68
N GLU A 30 16.43 4.84 -0.39
CA GLU A 30 15.54 5.47 0.61
C GLU A 30 14.07 5.29 0.25
N THR A 31 13.74 4.07 -0.15
CA THR A 31 12.40 3.68 -0.54
C THR A 31 11.42 3.86 0.61
N PRO A 32 10.15 4.22 0.31
CA PRO A 32 9.13 4.42 1.34
C PRO A 32 8.90 3.25 2.31
N TYR A 33 8.66 3.54 3.58
CA TYR A 33 8.47 2.48 4.56
C TYR A 33 7.16 1.73 4.36
N VAL A 34 6.20 2.38 3.73
CA VAL A 34 4.92 1.75 3.47
C VAL A 34 5.12 0.44 2.69
N ASN A 35 6.17 0.41 1.87
CA ASN A 35 6.49 -0.76 1.07
C ASN A 35 6.88 -1.95 1.97
N HIS A 36 7.41 -1.67 3.15
CA HIS A 36 7.79 -2.75 4.07
C HIS A 36 6.53 -3.37 4.69
N VAL A 37 5.73 -2.56 5.38
CA VAL A 37 4.55 -3.11 6.01
C VAL A 37 3.74 -3.92 5.00
N ILE A 38 3.64 -3.41 3.77
CA ILE A 38 2.95 -4.10 2.67
C ILE A 38 3.60 -5.46 2.44
N ASN A 39 4.91 -5.48 2.26
CA ASN A 39 5.55 -6.78 2.05
C ASN A 39 5.15 -7.79 3.15
N VAL A 40 5.23 -7.37 4.41
CA VAL A 40 4.87 -8.27 5.53
C VAL A 40 3.43 -8.81 5.37
N SER A 41 2.48 -7.96 4.99
CA SER A 41 1.12 -8.46 4.82
C SER A 41 1.10 -9.42 3.63
N THR A 42 1.64 -8.99 2.51
CA THR A 42 1.67 -9.84 1.32
C THR A 42 2.44 -11.16 1.53
N ILE A 43 3.53 -11.13 2.31
CA ILE A 43 4.31 -12.34 2.60
C ILE A 43 3.38 -13.42 3.17
N LEU A 44 2.43 -13.01 4.00
CA LEU A 44 1.52 -13.95 4.63
C LEU A 44 0.46 -14.39 3.68
N SER A 45 0.02 -13.46 2.84
CA SER A 45 -1.02 -13.80 1.89
C SER A 45 -0.54 -14.75 0.81
N VAL A 46 0.46 -14.33 0.04
CA VAL A 46 1.00 -15.15 -1.05
C VAL A 46 1.66 -16.39 -0.48
N GLU A 47 2.77 -16.18 0.20
CA GLU A 47 3.49 -17.28 0.83
C GLU A 47 2.75 -17.42 2.14
N ALA A 48 2.76 -18.61 2.72
CA ALA A 48 2.04 -18.83 3.98
C ALA A 48 0.51 -18.90 3.79
N CYS A 49 0.05 -18.50 2.60
CA CYS A 49 -1.37 -18.46 2.22
C CYS A 49 -2.39 -18.18 3.36
N ILE A 50 -2.37 -16.96 3.91
CA ILE A 50 -3.30 -16.59 4.99
C ILE A 50 -4.61 -15.95 4.49
N THR A 51 -5.73 -16.58 4.86
CA THR A 51 -7.07 -16.17 4.46
C THR A 51 -7.88 -15.39 5.54
N ASP A 52 -7.15 -14.84 6.52
CA ASP A 52 -7.71 -14.09 7.65
C ASP A 52 -7.30 -12.61 7.71
N GLU A 53 -8.24 -11.75 7.36
CA GLU A 53 -8.01 -10.30 7.37
C GLU A 53 -7.48 -9.76 8.70
N GLY A 54 -7.97 -10.32 9.81
CA GLY A 54 -7.50 -9.88 11.11
C GLY A 54 -5.99 -9.81 11.13
N VAL A 55 -5.36 -10.89 10.67
CA VAL A 55 -3.90 -11.00 10.61
C VAL A 55 -3.31 -10.06 9.55
N LEU A 56 -3.93 -10.05 8.38
CA LEU A 56 -3.50 -9.21 7.27
C LEU A 56 -3.45 -7.73 7.66
N MET A 57 -4.53 -7.21 8.21
CA MET A 57 -4.54 -5.81 8.63
C MET A 57 -3.52 -5.61 9.75
N ALA A 58 -3.50 -6.50 10.73
CA ALA A 58 -2.56 -6.37 11.83
C ALA A 58 -1.14 -6.20 11.27
N ALA A 59 -0.81 -6.96 10.23
CA ALA A 59 0.51 -6.91 9.58
C ALA A 59 0.74 -5.55 8.91
N LEU A 60 -0.28 -5.03 8.26
CA LEU A 60 -0.16 -3.72 7.61
C LEU A 60 0.15 -2.66 8.68
N LEU A 61 -0.29 -2.93 9.91
CA LEU A 61 -0.14 -2.04 11.06
C LEU A 61 0.86 -2.48 12.12
N HIS A 62 1.65 -3.49 11.79
CA HIS A 62 2.64 -4.01 12.72
C HIS A 62 3.78 -3.04 13.07
N ASP A 63 3.87 -1.88 12.41
CA ASP A 63 4.92 -0.92 12.75
C ASP A 63 4.38 0.47 13.07
N VAL A 64 3.10 0.74 12.80
CA VAL A 64 2.54 2.06 13.10
C VAL A 64 2.59 2.43 14.56
N VAL A 65 1.96 1.62 15.41
CA VAL A 65 1.93 1.93 16.82
C VAL A 65 3.32 2.15 17.41
N GLU A 66 4.34 1.58 16.77
CA GLU A 66 5.72 1.69 17.24
C GLU A 66 6.57 2.75 16.55
N ASP A 67 6.38 2.97 15.25
CA ASP A 67 7.18 3.96 14.55
C ASP A 67 6.48 5.30 14.33
N THR A 68 5.21 5.23 13.94
CA THR A 68 4.42 6.44 13.68
C THR A 68 3.84 7.03 14.98
N ASP A 69 3.00 8.05 14.85
CA ASP A 69 2.38 8.68 16.00
C ASP A 69 0.99 8.10 16.26
N ALA A 70 0.79 6.84 15.89
CA ALA A 70 -0.47 6.17 16.10
C ALA A 70 -0.44 5.45 17.46
N SER A 71 -1.62 5.07 17.98
CA SER A 71 -1.73 4.38 19.26
C SER A 71 -2.68 3.19 19.17
N PHE A 72 -2.71 2.40 20.23
CA PHE A 72 -3.56 1.22 20.31
C PHE A 72 -5.05 1.63 20.34
N GLU A 73 -5.33 2.81 20.90
CA GLU A 73 -6.70 3.31 20.98
C GLU A 73 -7.21 3.66 19.58
N ASP A 74 -6.31 4.17 18.74
CA ASP A 74 -6.66 4.54 17.36
C ASP A 74 -6.99 3.29 16.58
N VAL A 75 -6.17 2.26 16.75
CA VAL A 75 -6.37 1.00 16.06
C VAL A 75 -7.60 0.29 16.62
N GLU A 76 -7.76 0.40 17.93
CA GLU A 76 -8.89 -0.20 18.63
C GLU A 76 -10.16 0.53 18.17
N LYS A 77 -10.08 1.86 18.15
CA LYS A 77 -11.19 2.72 17.76
C LYS A 77 -11.62 2.50 16.31
N LEU A 78 -10.63 2.28 15.45
CA LEU A 78 -10.84 2.09 14.01
C LEU A 78 -11.03 0.66 13.52
N PHE A 79 -10.34 -0.29 14.14
CA PHE A 79 -10.42 -1.68 13.69
C PHE A 79 -10.82 -2.75 14.70
N GLY A 80 -10.87 -2.39 15.98
CA GLY A 80 -11.27 -3.36 16.99
C GLY A 80 -10.22 -4.10 17.78
N PRO A 81 -10.62 -4.78 18.87
CA PRO A 81 -9.68 -5.53 19.71
C PRO A 81 -9.01 -6.59 18.89
N ASP A 82 -9.80 -7.23 18.04
CA ASP A 82 -9.31 -8.26 17.16
C ASP A 82 -7.99 -7.84 16.54
N VAL A 83 -7.97 -6.67 15.92
CA VAL A 83 -6.77 -6.15 15.26
C VAL A 83 -5.83 -5.49 16.27
N CYS A 84 -6.41 -4.81 17.25
CA CYS A 84 -5.60 -4.13 18.25
C CYS A 84 -4.80 -5.12 19.10
N GLY A 85 -5.38 -6.29 19.35
CA GLY A 85 -4.71 -7.30 20.13
C GLY A 85 -3.41 -7.80 19.52
N LEU A 86 -3.43 -8.10 18.22
CA LEU A 86 -2.22 -8.59 17.56
C LEU A 86 -1.19 -7.48 17.38
N VAL A 87 -1.66 -6.31 16.95
CA VAL A 87 -0.76 -5.19 16.74
C VAL A 87 -0.01 -4.88 18.02
N ARG A 88 -0.60 -5.22 19.16
CA ARG A 88 0.07 -4.96 20.42
C ARG A 88 1.06 -6.08 20.66
N GLU A 89 0.70 -7.27 20.21
CA GLU A 89 1.57 -8.42 20.40
C GLU A 89 2.86 -8.33 19.61
N VAL A 90 2.93 -7.41 18.65
CA VAL A 90 4.13 -7.28 17.83
C VAL A 90 4.82 -5.93 17.90
N THR A 91 4.42 -5.11 18.87
CA THR A 91 4.97 -3.78 19.08
C THR A 91 5.92 -3.74 20.26
N ASP A 92 7.22 -3.53 20.03
CA ASP A 92 8.16 -3.46 21.14
C ASP A 92 8.00 -2.17 21.92
N ASP A 93 8.01 -2.27 23.25
CA ASP A 93 7.89 -1.10 24.10
C ASP A 93 9.06 -0.11 23.84
N LYS A 94 8.77 1.00 23.16
CA LYS A 94 9.80 1.98 22.84
C LYS A 94 10.28 2.88 23.99
N SER A 95 9.92 2.52 25.21
CA SER A 95 10.35 3.26 26.40
C SER A 95 11.73 2.71 26.72
N LEU A 96 11.93 1.45 26.36
CA LEU A 96 13.18 0.73 26.57
C LEU A 96 14.20 1.15 25.51
N GLU A 97 15.45 0.71 25.65
CA GLU A 97 16.49 1.06 24.68
C GLU A 97 16.56 -0.01 23.58
N LYS A 98 16.92 0.40 22.35
CA LYS A 98 17.01 -0.52 21.22
C LYS A 98 17.65 -1.88 21.48
N GLN A 99 18.64 -1.92 22.36
CA GLN A 99 19.31 -3.17 22.68
C GLN A 99 18.44 -4.06 23.55
N GLU A 100 17.69 -3.45 24.46
CA GLU A 100 16.79 -4.17 25.36
C GLU A 100 15.55 -4.68 24.61
N ARG A 101 15.04 -3.83 23.70
CA ARG A 101 13.87 -4.19 22.89
C ARG A 101 14.15 -5.43 22.05
N LYS A 102 15.42 -5.64 21.71
CA LYS A 102 15.82 -6.80 20.92
C LYS A 102 15.91 -7.99 21.84
N ARG A 103 16.58 -7.82 22.97
CA ARG A 103 16.73 -8.90 23.95
C ARG A 103 15.38 -9.53 24.31
N LEU A 104 14.38 -8.69 24.52
CA LEU A 104 13.03 -9.16 24.88
C LEU A 104 12.35 -9.93 23.74
N GLN A 105 12.62 -9.54 22.50
CA GLN A 105 12.04 -10.20 21.34
C GLN A 105 12.33 -11.68 21.35
N ILE A 106 13.51 -12.03 21.83
CA ILE A 106 13.90 -13.42 21.90
C ILE A 106 13.17 -14.10 23.05
N GLU A 107 13.01 -13.38 24.16
CA GLU A 107 12.36 -13.93 25.35
C GLU A 107 10.86 -14.12 25.19
N ASN A 108 10.17 -13.07 24.78
CA ASN A 108 8.73 -13.12 24.61
C ASN A 108 8.31 -13.72 23.30
N ALA A 109 9.30 -14.19 22.53
CA ALA A 109 9.05 -14.79 21.23
C ALA A 109 8.00 -15.91 21.30
N ALA A 110 8.46 -17.12 21.64
CA ALA A 110 7.63 -18.31 21.73
C ALA A 110 6.39 -18.14 22.62
N LYS A 111 6.36 -17.06 23.38
CA LYS A 111 5.25 -16.79 24.28
C LYS A 111 4.08 -16.14 23.54
N SER A 112 4.34 -15.69 22.31
CA SER A 112 3.35 -15.02 21.47
C SER A 112 2.24 -15.97 20.99
N SER A 113 1.19 -15.41 20.40
CA SER A 113 0.08 -16.22 19.90
C SER A 113 0.35 -16.71 18.47
N CYS A 114 -0.25 -17.85 18.09
CA CYS A 114 -0.06 -18.40 16.74
C CYS A 114 -0.12 -17.32 15.69
N ARG A 115 -1.14 -16.47 15.79
CA ARG A 115 -1.37 -15.39 14.84
C ARG A 115 -0.28 -14.32 14.90
N ALA A 116 0.13 -13.95 16.10
CA ALA A 116 1.17 -12.93 16.29
C ALA A 116 2.55 -13.46 15.88
N LYS A 117 2.74 -14.77 15.97
CA LYS A 117 4.01 -15.33 15.57
C LYS A 117 4.13 -15.20 14.06
N LEU A 118 3.02 -15.41 13.36
CA LEU A 118 3.00 -15.32 11.89
C LEU A 118 3.54 -13.99 11.41
N ILE A 119 3.04 -12.90 12.02
CA ILE A 119 3.49 -11.56 11.68
C ILE A 119 4.97 -11.43 12.02
N LYS A 120 5.35 -11.80 13.23
CA LYS A 120 6.72 -11.69 13.64
C LYS A 120 7.69 -12.38 12.70
N LEU A 121 7.30 -13.56 12.23
CA LEU A 121 8.12 -14.34 11.28
C LEU A 121 8.24 -13.60 9.95
N ALA A 122 7.11 -13.27 9.34
CA ALA A 122 7.11 -12.55 8.07
C ALA A 122 7.88 -11.23 8.18
N ASP A 123 7.67 -10.51 9.27
CA ASP A 123 8.35 -9.23 9.55
C ASP A 123 9.85 -9.45 9.43
N LYS A 124 10.30 -10.55 10.01
CA LYS A 124 11.71 -10.90 9.95
C LYS A 124 12.08 -11.26 8.52
N LEU A 125 11.37 -12.22 7.93
CA LEU A 125 11.67 -12.62 6.55
C LEU A 125 11.90 -11.42 5.64
N ASP A 126 10.92 -10.52 5.59
CA ASP A 126 11.04 -9.34 4.75
C ASP A 126 12.33 -8.57 5.03
N ASN A 127 12.51 -8.14 6.27
CA ASN A 127 13.70 -7.38 6.63
C ASN A 127 14.97 -8.10 6.19
N LEU A 128 15.09 -9.37 6.53
CA LEU A 128 16.27 -10.13 6.17
C LEU A 128 16.51 -10.07 4.68
N ARG A 129 15.48 -10.39 3.91
CA ARG A 129 15.56 -10.34 2.47
C ARG A 129 16.22 -9.04 2.02
N ASP A 130 15.92 -7.96 2.73
CA ASP A 130 16.49 -6.65 2.41
C ASP A 130 17.93 -6.45 2.86
N LEU A 131 18.37 -7.25 3.83
CA LEU A 131 19.73 -7.12 4.36
C LEU A 131 20.79 -7.85 3.53
N GLN A 132 20.33 -8.73 2.65
CA GLN A 132 21.25 -9.48 1.80
C GLN A 132 21.64 -8.58 0.61
N VAL A 133 20.65 -7.96 -0.01
CA VAL A 133 20.86 -7.10 -1.15
C VAL A 133 21.55 -5.76 -0.82
N ASN A 134 20.83 -4.89 -0.10
CA ASN A 134 21.34 -3.57 0.29
C ASN A 134 21.79 -3.49 1.76
N THR A 135 22.79 -2.67 2.04
CA THR A 135 23.28 -2.48 3.41
C THR A 135 22.78 -1.14 3.94
N PRO A 136 22.14 -1.15 5.12
CA PRO A 136 21.61 0.07 5.71
C PRO A 136 22.56 1.26 5.60
N THR A 137 21.97 2.44 5.45
CA THR A 137 22.74 3.68 5.31
C THR A 137 23.66 3.82 6.52
N GLY A 138 24.94 4.08 6.26
CA GLY A 138 25.91 4.24 7.32
C GLY A 138 25.87 3.10 8.32
N TRP A 139 26.25 1.91 7.88
CA TRP A 139 26.26 0.72 8.73
C TRP A 139 27.50 -0.14 8.46
N THR A 140 28.16 -0.56 9.54
CA THR A 140 29.36 -1.38 9.41
C THR A 140 28.96 -2.81 9.02
N GLN A 141 29.85 -3.54 8.35
CA GLN A 141 29.54 -4.90 7.93
C GLN A 141 29.36 -5.84 9.12
N GLU A 142 30.04 -5.54 10.22
CA GLU A 142 29.93 -6.39 11.41
C GLU A 142 28.53 -6.29 11.98
N ARG A 143 28.02 -5.06 12.09
CA ARG A 143 26.67 -4.82 12.61
C ARG A 143 25.63 -5.42 11.66
N ARG A 144 25.95 -5.41 10.37
CA ARG A 144 25.08 -5.96 9.33
C ARG A 144 25.00 -7.47 9.54
N ASP A 145 26.07 -8.02 10.12
CA ASP A 145 26.08 -9.45 10.37
C ASP A 145 25.34 -9.76 11.65
N GLN A 146 25.55 -8.94 12.68
CA GLN A 146 24.91 -9.12 13.98
C GLN A 146 23.38 -9.22 13.89
N TYR A 147 22.80 -8.51 12.92
CA TYR A 147 21.35 -8.54 12.74
C TYR A 147 20.89 -9.95 12.39
N PHE A 148 21.63 -10.62 11.50
CA PHE A 148 21.32 -11.99 11.08
C PHE A 148 21.33 -12.96 12.27
N VAL A 149 22.32 -12.78 13.15
CA VAL A 149 22.48 -13.62 14.32
C VAL A 149 21.26 -13.47 15.22
N TRP A 150 20.96 -12.22 15.57
CA TRP A 150 19.82 -11.88 16.42
C TRP A 150 18.54 -12.38 15.77
N ALA A 151 18.39 -12.11 14.48
CA ALA A 151 17.23 -12.56 13.74
C ALA A 151 17.02 -14.05 13.98
N LYS A 152 18.10 -14.81 13.85
CA LYS A 152 18.01 -16.25 14.04
C LYS A 152 17.59 -16.62 15.47
N LYS A 153 18.17 -15.94 16.46
CA LYS A 153 17.83 -16.20 17.85
C LYS A 153 16.33 -15.98 18.09
N VAL A 154 15.77 -14.92 17.52
CA VAL A 154 14.35 -14.65 17.65
C VAL A 154 13.54 -15.69 16.89
N VAL A 155 13.83 -15.79 15.59
CA VAL A 155 13.13 -16.74 14.70
C VAL A 155 13.24 -18.16 15.23
N ASP A 156 14.33 -18.48 15.92
CA ASP A 156 14.49 -19.82 16.48
C ASP A 156 13.46 -20.11 17.57
N ASN A 157 12.93 -19.06 18.18
CA ASN A 157 11.93 -19.22 19.23
C ASN A 157 10.52 -19.03 18.68
N LEU A 158 10.42 -18.52 17.46
CA LEU A 158 9.11 -18.33 16.82
C LEU A 158 8.68 -19.54 15.98
N ARG A 159 9.64 -20.45 15.76
CA ARG A 159 9.43 -21.66 14.97
C ARG A 159 8.21 -22.46 15.44
N GLY A 160 7.85 -23.51 14.69
CA GLY A 160 6.69 -24.31 15.04
C GLY A 160 5.41 -23.70 14.48
N THR A 161 5.54 -22.45 14.02
CA THR A 161 4.42 -21.69 13.45
C THR A 161 4.16 -22.05 11.98
N ASN A 162 4.82 -21.34 11.06
CA ASN A 162 4.61 -21.61 9.63
C ASN A 162 5.77 -22.38 9.02
N ALA A 163 5.50 -23.62 8.65
CA ALA A 163 6.51 -24.48 8.06
C ALA A 163 7.04 -23.90 6.75
N ASN A 164 6.25 -23.03 6.13
CA ASN A 164 6.68 -22.46 4.88
C ASN A 164 7.55 -21.23 5.07
N LEU A 165 7.09 -20.30 5.89
CA LEU A 165 7.85 -19.09 6.17
C LEU A 165 9.17 -19.49 6.80
N GLU A 166 9.11 -20.34 7.82
CA GLU A 166 10.31 -20.79 8.52
C GLU A 166 11.27 -21.53 7.61
N LEU A 167 10.70 -22.19 6.62
CA LEU A 167 11.52 -22.93 5.66
C LEU A 167 12.33 -21.90 4.88
N LYS A 168 11.68 -20.82 4.45
CA LYS A 168 12.34 -19.77 3.71
C LYS A 168 13.32 -19.05 4.63
N LEU A 169 12.90 -18.80 5.86
CA LEU A 169 13.76 -18.14 6.83
C LEU A 169 15.08 -18.89 6.83
N ASP A 170 14.99 -20.20 6.94
CA ASP A 170 16.15 -21.07 6.95
C ASP A 170 16.98 -20.92 5.69
N GLU A 171 16.31 -20.64 4.58
CA GLU A 171 17.00 -20.46 3.33
C GLU A 171 17.96 -19.30 3.40
N ILE A 172 17.56 -18.26 4.13
CA ILE A 172 18.37 -17.07 4.30
C ILE A 172 19.47 -17.31 5.34
N PHE A 173 19.21 -18.22 6.29
CA PHE A 173 20.17 -18.53 7.33
C PHE A 173 21.25 -19.51 6.89
N ARG A 174 20.91 -20.50 6.06
CA ARG A 174 21.92 -21.46 5.61
C ARG A 174 22.78 -20.90 4.48
N GLN A 175 22.22 -19.98 3.68
CA GLN A 175 22.95 -19.35 2.59
C GLN A 175 24.06 -18.49 3.18
N ARG A 176 23.74 -17.87 4.30
CA ARG A 176 24.71 -17.02 5.00
C ARG A 176 25.73 -17.90 5.70
N GLY A 177 25.26 -18.86 6.48
CA GLY A 177 26.21 -19.73 7.17
C GLY A 177 25.95 -19.80 8.65
N LEU A 178 24.68 -19.71 9.02
CA LEU A 178 24.26 -19.79 10.42
C LEU A 178 23.49 -21.08 10.67
N LEU A 179 23.12 -21.77 9.60
CA LEU A 179 22.35 -23.00 9.74
C LEU A 179 23.15 -24.18 9.21
N ALA B 2 -17.41 -12.59 6.73
CA ALA B 2 -16.16 -13.32 6.62
C ALA B 2 -15.47 -13.06 5.26
N THR B 3 -14.82 -11.91 5.13
CA THR B 3 -14.14 -11.51 3.89
C THR B 3 -12.61 -11.45 4.02
N TYR B 4 -11.92 -11.33 2.89
CA TYR B 4 -10.46 -11.28 2.89
C TYR B 4 -9.85 -11.16 1.49
N PRO B 5 -8.85 -10.30 1.32
CA PRO B 5 -8.24 -10.16 -0.01
C PRO B 5 -7.54 -11.44 -0.38
N SER B 6 -7.40 -11.66 -1.68
CA SER B 6 -6.75 -12.85 -2.18
C SER B 6 -5.23 -12.63 -2.29
N ALA B 7 -4.51 -13.71 -2.59
CA ALA B 7 -3.05 -13.68 -2.75
C ALA B 7 -2.71 -12.87 -3.99
N LYS B 8 -3.61 -12.89 -4.97
CA LYS B 8 -3.41 -12.13 -6.19
C LYS B 8 -3.50 -10.63 -5.92
N PHE B 9 -4.43 -10.24 -5.05
CA PHE B 9 -4.60 -8.82 -4.71
C PHE B 9 -3.44 -8.23 -3.90
N MET B 10 -2.80 -9.09 -3.11
CA MET B 10 -1.68 -8.67 -2.31
C MET B 10 -0.45 -8.62 -3.23
N GLU B 11 -0.38 -9.55 -4.17
CA GLU B 11 0.73 -9.57 -5.13
C GLU B 11 0.60 -8.36 -6.05
N CYS B 12 -0.62 -7.84 -6.19
CA CYS B 12 -0.87 -6.66 -7.00
C CYS B 12 -0.56 -5.38 -6.19
N LEU B 13 -1.00 -5.38 -4.94
CA LEU B 13 -0.75 -4.25 -4.05
C LEU B 13 0.75 -4.13 -3.90
N GLN B 14 1.41 -5.27 -3.73
CA GLN B 14 2.85 -5.32 -3.56
C GLN B 14 3.53 -4.82 -4.80
N TYR B 15 2.97 -5.18 -5.94
CA TYR B 15 3.54 -4.79 -7.21
C TYR B 15 3.48 -3.27 -7.40
N ALA B 16 2.29 -2.69 -7.28
CA ALA B 16 2.17 -1.25 -7.42
C ALA B 16 3.12 -0.53 -6.45
N ALA B 17 3.22 -1.06 -5.24
CA ALA B 17 4.07 -0.47 -4.23
C ALA B 17 5.52 -0.49 -4.69
N PHE B 18 5.92 -1.63 -5.25
CA PHE B 18 7.28 -1.83 -5.73
C PHE B 18 7.60 -0.97 -6.95
N LYS B 19 6.76 -1.12 -7.97
CA LYS B 19 6.88 -0.40 -9.24
C LYS B 19 6.84 1.12 -9.14
N HIS B 20 6.28 1.64 -8.05
CA HIS B 20 6.19 3.09 -7.83
C HIS B 20 7.19 3.49 -6.77
N ARG B 21 7.94 2.52 -6.23
CA ARG B 21 8.85 2.82 -5.15
C ARG B 21 9.66 4.12 -5.26
N GLN B 22 9.98 4.58 -6.47
CA GLN B 22 10.77 5.80 -6.62
C GLN B 22 9.96 7.05 -6.98
N GLN B 23 8.67 6.86 -7.24
CA GLN B 23 7.77 7.94 -7.61
C GLN B 23 7.12 8.58 -6.39
N ARG B 24 7.03 9.90 -6.38
CA ARG B 24 6.45 10.60 -5.26
C ARG B 24 5.37 11.58 -5.72
N ARG B 25 4.43 11.90 -4.83
CA ARG B 25 3.38 12.85 -5.13
C ARG B 25 3.98 14.25 -5.03
N LYS B 26 3.58 15.12 -5.94
CA LYS B 26 4.08 16.49 -6.00
C LYS B 26 3.42 17.40 -4.96
N ASP B 27 3.81 17.24 -3.71
CA ASP B 27 3.31 18.07 -2.61
C ASP B 27 4.49 18.58 -1.77
N PRO B 28 4.23 19.46 -0.79
CA PRO B 28 5.34 19.96 0.04
C PRO B 28 6.11 18.81 0.71
N GLN B 29 5.38 17.97 1.41
CA GLN B 29 5.98 16.85 2.10
C GLN B 29 6.77 15.89 1.19
N GLU B 30 6.30 15.73 -0.05
CA GLU B 30 6.88 14.82 -1.07
C GLU B 30 6.57 13.38 -0.69
N THR B 31 5.31 13.15 -0.35
CA THR B 31 4.82 11.84 0.07
C THR B 31 4.86 10.81 -1.08
N PRO B 32 5.15 9.52 -0.74
CA PRO B 32 5.22 8.45 -1.76
C PRO B 32 4.02 8.49 -2.69
N TYR B 33 4.24 8.15 -3.96
CA TYR B 33 3.14 8.16 -4.91
C TYR B 33 2.22 6.97 -4.69
N VAL B 34 2.76 5.91 -4.10
CA VAL B 34 1.97 4.70 -3.82
C VAL B 34 0.76 5.09 -2.98
N ASN B 35 0.88 6.13 -2.15
CA ASN B 35 -0.25 6.55 -1.33
C ASN B 35 -1.43 6.87 -2.24
N HIS B 36 -1.17 7.65 -3.26
CA HIS B 36 -2.21 8.00 -4.21
C HIS B 36 -3.02 6.78 -4.66
N VAL B 37 -2.37 5.88 -5.40
CA VAL B 37 -3.02 4.70 -5.96
C VAL B 37 -3.86 4.00 -4.93
N ILE B 38 -3.31 3.88 -3.73
CA ILE B 38 -4.01 3.28 -2.60
C ILE B 38 -5.23 4.15 -2.27
N ASN B 39 -5.03 5.45 -2.05
CA ASN B 39 -6.18 6.31 -1.75
C ASN B 39 -7.27 6.03 -2.80
N VAL B 40 -6.84 5.95 -4.07
CA VAL B 40 -7.75 5.69 -5.20
C VAL B 40 -8.46 4.34 -5.09
N SER B 41 -7.67 3.29 -4.87
CA SER B 41 -8.28 1.99 -4.73
C SER B 41 -9.14 1.97 -3.46
N THR B 42 -8.70 2.66 -2.41
CA THR B 42 -9.51 2.65 -1.18
C THR B 42 -10.83 3.39 -1.33
N ILE B 43 -10.84 4.53 -2.03
CA ILE B 43 -12.07 5.29 -2.26
C ILE B 43 -13.20 4.36 -2.75
N LEU B 44 -12.89 3.50 -3.70
CA LEU B 44 -13.87 2.59 -4.28
C LEU B 44 -14.36 1.58 -3.25
N SER B 45 -13.44 1.04 -2.48
CA SER B 45 -13.81 0.05 -1.47
C SER B 45 -14.69 0.64 -0.40
N VAL B 46 -14.12 1.60 0.33
CA VAL B 46 -14.79 2.27 1.43
C VAL B 46 -15.94 3.14 0.98
N GLU B 47 -15.66 4.13 0.15
CA GLU B 47 -16.71 5.02 -0.25
C GLU B 47 -17.70 4.51 -1.26
N ALA B 48 -17.19 3.93 -2.35
CA ALA B 48 -18.02 3.37 -3.43
C ALA B 48 -18.53 1.97 -3.09
N CYS B 49 -18.25 1.52 -1.87
CA CYS B 49 -18.63 0.19 -1.41
C CYS B 49 -18.43 -0.87 -2.52
N ILE B 50 -17.26 -0.88 -3.18
CA ILE B 50 -16.99 -1.86 -4.25
C ILE B 50 -16.47 -3.21 -3.74
N THR B 51 -17.12 -4.29 -4.15
CA THR B 51 -16.77 -5.63 -3.69
C THR B 51 -16.09 -6.57 -4.71
N ASP B 52 -15.68 -6.00 -5.85
CA ASP B 52 -15.03 -6.71 -6.96
C ASP B 52 -13.53 -6.39 -7.04
N GLU B 53 -12.70 -7.40 -6.81
CA GLU B 53 -11.25 -7.22 -6.87
C GLU B 53 -10.70 -6.78 -8.22
N GLY B 54 -11.31 -7.24 -9.31
CA GLY B 54 -10.84 -6.83 -10.62
C GLY B 54 -10.75 -5.32 -10.76
N VAL B 55 -11.53 -4.60 -9.94
CA VAL B 55 -11.58 -3.13 -9.96
C VAL B 55 -10.60 -2.57 -8.91
N LEU B 56 -10.56 -3.23 -7.76
CA LEU B 56 -9.69 -2.82 -6.67
C LEU B 56 -8.22 -3.02 -7.09
N MET B 57 -7.94 -4.07 -7.83
CA MET B 57 -6.56 -4.26 -8.27
C MET B 57 -6.31 -3.35 -9.45
N ALA B 58 -7.32 -3.18 -10.30
CA ALA B 58 -7.16 -2.32 -11.45
C ALA B 58 -6.77 -0.91 -10.98
N ALA B 59 -7.44 -0.44 -9.93
CA ALA B 59 -7.18 0.88 -9.34
C ALA B 59 -5.79 0.92 -8.73
N LEU B 60 -5.35 -0.17 -8.13
CA LEU B 60 -4.02 -0.18 -7.55
C LEU B 60 -2.99 0.06 -8.64
N LEU B 61 -3.32 -0.32 -9.87
CA LEU B 61 -2.42 -0.19 -11.03
C LEU B 61 -2.87 0.85 -12.05
N HIS B 62 -3.73 1.76 -11.63
CA HIS B 62 -4.25 2.79 -12.51
C HIS B 62 -3.24 3.89 -12.85
N ASP B 63 -1.95 3.62 -12.70
CA ASP B 63 -0.92 4.62 -13.04
C ASP B 63 0.43 3.96 -13.28
N VAL B 64 0.54 2.65 -13.09
CA VAL B 64 1.81 1.95 -13.31
C VAL B 64 2.23 1.92 -14.78
N VAL B 65 1.39 1.35 -15.62
CA VAL B 65 1.75 1.25 -17.02
C VAL B 65 1.88 2.63 -17.63
N GLU B 66 1.45 3.65 -16.91
CA GLU B 66 1.50 5.02 -17.41
C GLU B 66 2.64 5.84 -16.81
N ASP B 67 2.89 5.70 -15.52
CA ASP B 67 3.96 6.49 -14.90
C ASP B 67 5.19 5.63 -14.55
N THR B 68 5.11 4.33 -14.76
CA THR B 68 6.25 3.49 -14.45
C THR B 68 6.76 2.80 -15.71
N ASP B 69 7.73 1.90 -15.53
CA ASP B 69 8.31 1.18 -16.64
C ASP B 69 7.65 -0.18 -16.80
N ALA B 70 6.37 -0.27 -16.43
CA ALA B 70 5.63 -1.53 -16.57
C ALA B 70 4.86 -1.56 -17.90
N SER B 71 4.32 -2.72 -18.24
CA SER B 71 3.57 -2.91 -19.48
C SER B 71 2.34 -3.76 -19.27
N PHE B 72 1.33 -3.54 -20.10
CA PHE B 72 0.08 -4.28 -20.02
C PHE B 72 0.37 -5.79 -20.02
N GLU B 73 1.53 -6.16 -20.51
CA GLU B 73 1.90 -7.57 -20.57
C GLU B 73 2.27 -8.08 -19.19
N ASP B 74 3.04 -7.29 -18.45
CA ASP B 74 3.45 -7.68 -17.12
C ASP B 74 2.18 -7.89 -16.28
N VAL B 75 1.23 -6.97 -16.45
CA VAL B 75 -0.05 -6.99 -15.75
C VAL B 75 -0.87 -8.20 -16.18
N GLU B 76 -0.80 -8.44 -17.48
CA GLU B 76 -1.46 -9.54 -18.17
C GLU B 76 -0.92 -10.90 -17.66
N LYS B 77 0.39 -11.11 -17.77
CA LYS B 77 0.98 -12.36 -17.33
C LYS B 77 0.93 -12.54 -15.82
N LEU B 78 0.67 -11.45 -15.10
CA LEU B 78 0.61 -11.49 -13.65
C LEU B 78 -0.80 -11.58 -13.09
N PHE B 79 -1.69 -10.68 -13.54
CA PHE B 79 -3.06 -10.65 -13.03
C PHE B 79 -4.15 -11.02 -14.01
N GLY B 80 -3.77 -11.34 -15.23
CA GLY B 80 -4.73 -11.73 -16.22
C GLY B 80 -5.23 -10.59 -17.10
N PRO B 81 -6.00 -10.92 -18.14
CA PRO B 81 -6.56 -9.97 -19.10
C PRO B 81 -7.74 -9.21 -18.50
N ASP B 82 -8.42 -9.84 -17.55
CA ASP B 82 -9.57 -9.27 -16.86
C ASP B 82 -9.27 -7.87 -16.36
N VAL B 83 -8.09 -7.74 -15.75
CA VAL B 83 -7.61 -6.47 -15.21
C VAL B 83 -6.73 -5.73 -16.24
N CYS B 84 -6.07 -6.45 -17.13
CA CYS B 84 -5.25 -5.80 -18.17
C CYS B 84 -6.19 -4.90 -18.97
N GLY B 85 -7.44 -5.31 -19.04
CA GLY B 85 -8.44 -4.54 -19.76
C GLY B 85 -8.79 -3.20 -19.15
N LEU B 86 -9.05 -3.20 -17.83
CA LEU B 86 -9.41 -1.99 -17.11
C LEU B 86 -8.21 -1.09 -16.92
N VAL B 87 -7.02 -1.68 -16.83
CA VAL B 87 -5.82 -0.88 -16.67
C VAL B 87 -5.55 -0.19 -17.99
N ARG B 88 -5.88 -0.84 -19.09
CA ARG B 88 -5.66 -0.26 -20.41
C ARG B 88 -6.72 0.81 -20.65
N GLU B 89 -7.91 0.56 -20.13
CA GLU B 89 -9.02 1.48 -20.29
C GLU B 89 -8.83 2.77 -19.53
N VAL B 90 -7.91 2.79 -18.58
CA VAL B 90 -7.69 3.99 -17.81
C VAL B 90 -6.30 4.56 -17.96
N THR B 91 -5.53 4.00 -18.89
CA THR B 91 -4.16 4.47 -19.16
C THR B 91 -4.08 5.42 -20.37
N ASP B 92 -3.31 6.49 -20.21
CA ASP B 92 -3.14 7.45 -21.28
C ASP B 92 -1.99 7.08 -22.18
N ASP B 93 -2.07 7.55 -23.42
CA ASP B 93 -1.03 7.28 -24.40
C ASP B 93 0.06 8.32 -24.15
N LYS B 94 1.14 7.91 -23.49
CA LYS B 94 2.22 8.83 -23.19
C LYS B 94 3.11 9.18 -24.38
N SER B 95 2.58 8.90 -25.57
CA SER B 95 3.23 9.21 -26.85
C SER B 95 2.60 10.53 -27.33
N LEU B 96 1.51 10.93 -26.69
CA LEU B 96 0.81 12.17 -27.03
C LEU B 96 1.31 13.26 -26.10
N GLU B 97 1.24 14.51 -26.54
CA GLU B 97 1.69 15.65 -25.73
C GLU B 97 0.88 15.85 -24.45
N LYS B 98 1.54 16.37 -23.42
CA LYS B 98 0.89 16.62 -22.13
C LYS B 98 -0.58 17.03 -22.25
N GLN B 99 -0.84 18.05 -23.09
CA GLN B 99 -2.19 18.56 -23.25
C GLN B 99 -3.15 17.68 -24.05
N GLU B 100 -2.68 17.15 -25.18
CA GLU B 100 -3.52 16.31 -26.03
C GLU B 100 -4.17 15.16 -25.25
N ARG B 101 -3.51 14.71 -24.17
CA ARG B 101 -4.05 13.61 -23.37
C ARG B 101 -5.22 14.02 -22.49
N LYS B 102 -5.19 15.27 -22.02
CA LYS B 102 -6.25 15.79 -21.16
C LYS B 102 -7.47 16.11 -22.02
N ARG B 103 -7.21 16.61 -23.21
CA ARG B 103 -8.27 16.95 -24.14
C ARG B 103 -8.97 15.67 -24.57
N LEU B 104 -8.18 14.61 -24.71
CA LEU B 104 -8.69 13.31 -25.14
C LEU B 104 -9.43 12.58 -24.02
N GLN B 105 -9.14 12.97 -22.79
CA GLN B 105 -9.74 12.37 -21.62
C GLN B 105 -11.20 12.80 -21.49
N ILE B 106 -11.50 13.97 -22.05
CA ILE B 106 -12.85 14.50 -22.01
C ILE B 106 -13.70 13.82 -23.06
N GLU B 107 -13.08 13.49 -24.18
CA GLU B 107 -13.79 12.85 -25.28
C GLU B 107 -14.08 11.37 -25.01
N ASN B 108 -13.03 10.61 -24.73
CA ASN B 108 -13.17 9.18 -24.50
C ASN B 108 -13.89 8.79 -23.22
N ALA B 109 -14.20 9.79 -22.40
CA ALA B 109 -14.87 9.59 -21.11
C ALA B 109 -16.13 8.72 -21.14
N ALA B 110 -17.18 9.24 -21.77
CA ALA B 110 -18.48 8.55 -21.87
C ALA B 110 -18.44 7.14 -22.48
N LYS B 111 -17.60 6.96 -23.49
CA LYS B 111 -17.44 5.70 -24.20
C LYS B 111 -16.86 4.55 -23.35
N SER B 112 -16.28 4.89 -22.21
CA SER B 112 -15.67 3.92 -21.27
C SER B 112 -16.70 2.93 -20.70
N SER B 113 -16.23 1.96 -19.92
CA SER B 113 -17.11 0.97 -19.30
C SER B 113 -17.46 1.36 -17.86
N CYS B 114 -18.56 0.81 -17.34
CA CYS B 114 -19.00 1.09 -15.99
C CYS B 114 -17.83 0.91 -15.00
N ARG B 115 -17.12 -0.21 -15.11
CA ARG B 115 -15.98 -0.48 -14.22
C ARG B 115 -14.83 0.52 -14.33
N ALA B 116 -14.51 0.91 -15.56
CA ALA B 116 -13.43 1.86 -15.83
C ALA B 116 -13.83 3.28 -15.44
N LYS B 117 -15.12 3.59 -15.51
CA LYS B 117 -15.59 4.91 -15.14
C LYS B 117 -15.40 5.08 -13.66
N LEU B 118 -15.61 3.98 -12.91
CA LEU B 118 -15.46 4.00 -11.46
C LEU B 118 -14.07 4.43 -11.06
N ILE B 119 -13.08 3.83 -11.71
CA ILE B 119 -11.67 4.12 -11.47
C ILE B 119 -11.36 5.56 -11.86
N LYS B 120 -11.86 5.98 -13.02
CA LYS B 120 -11.65 7.32 -13.51
C LYS B 120 -12.14 8.38 -12.55
N LEU B 121 -13.33 8.18 -12.01
CA LEU B 121 -13.91 9.13 -11.05
C LEU B 121 -13.06 9.19 -9.78
N ALA B 122 -12.71 8.02 -9.25
CA ALA B 122 -11.89 7.91 -8.05
C ALA B 122 -10.57 8.65 -8.28
N ASP B 123 -9.88 8.33 -9.38
CA ASP B 123 -8.62 8.97 -9.71
C ASP B 123 -8.81 10.47 -9.63
N LYS B 124 -9.93 10.94 -10.15
CA LYS B 124 -10.18 12.37 -10.10
C LYS B 124 -10.43 12.83 -8.68
N LEU B 125 -11.45 12.28 -8.04
CA LEU B 125 -11.78 12.66 -6.68
C LEU B 125 -10.56 12.75 -5.77
N ASP B 126 -9.81 11.66 -5.68
CA ASP B 126 -8.62 11.66 -4.86
C ASP B 126 -7.66 12.78 -5.25
N ASN B 127 -7.40 12.95 -6.55
CA ASN B 127 -6.50 14.02 -6.93
C ASN B 127 -6.99 15.36 -6.42
N LEU B 128 -8.27 15.65 -6.64
CA LEU B 128 -8.84 16.92 -6.21
C LEU B 128 -8.70 17.12 -4.71
N ARG B 129 -9.16 16.16 -3.94
CA ARG B 129 -9.06 16.22 -2.49
C ARG B 129 -7.68 16.69 -2.08
N ASP B 130 -6.68 16.22 -2.82
CA ASP B 130 -5.30 16.54 -2.53
C ASP B 130 -4.88 17.92 -3.07
N LEU B 131 -5.63 18.42 -4.04
CA LEU B 131 -5.33 19.71 -4.66
C LEU B 131 -5.92 20.92 -3.93
N GLN B 132 -6.99 20.68 -3.18
CA GLN B 132 -7.63 21.74 -2.43
C GLN B 132 -6.66 22.30 -1.40
N VAL B 133 -6.38 23.59 -1.53
CA VAL B 133 -5.49 24.34 -0.66
C VAL B 133 -4.02 24.03 -0.97
N ASN B 134 -3.65 22.76 -0.84
CA ASN B 134 -2.29 22.30 -1.10
C ASN B 134 -1.96 22.40 -2.57
N THR B 135 -1.07 23.32 -2.91
CA THR B 135 -0.69 23.53 -4.29
C THR B 135 0.57 22.76 -4.64
N PRO B 136 0.57 22.13 -5.81
CA PRO B 136 1.73 21.35 -6.26
C PRO B 136 3.03 22.15 -6.21
N THR B 137 4.14 21.44 -6.34
CA THR B 137 5.48 22.04 -6.30
C THR B 137 5.63 22.99 -7.49
N GLY B 138 5.97 24.25 -7.19
CA GLY B 138 6.15 25.24 -8.23
C GLY B 138 5.01 25.36 -9.22
N TRP B 139 3.77 25.20 -8.73
CA TRP B 139 2.58 25.28 -9.57
C TRP B 139 1.96 26.67 -9.57
N THR B 140 1.78 27.23 -10.75
CA THR B 140 1.18 28.55 -10.87
C THR B 140 -0.18 28.50 -10.17
N GLN B 141 -0.59 29.61 -9.56
CA GLN B 141 -1.87 29.63 -8.89
C GLN B 141 -2.99 29.50 -9.92
N GLU B 142 -2.71 29.94 -11.14
CA GLU B 142 -3.68 29.85 -12.23
C GLU B 142 -3.84 28.40 -12.63
N ARG B 143 -2.71 27.76 -12.94
CA ARG B 143 -2.68 26.35 -13.34
C ARG B 143 -3.47 25.51 -12.33
N ARG B 144 -3.37 25.89 -11.05
CA ARG B 144 -4.05 25.21 -9.96
C ARG B 144 -5.57 25.24 -10.21
N ASP B 145 -6.05 26.30 -10.85
CA ASP B 145 -7.47 26.41 -11.12
C ASP B 145 -7.86 25.62 -12.37
N GLN B 146 -7.13 25.82 -13.45
CA GLN B 146 -7.37 25.13 -14.72
C GLN B 146 -7.60 23.64 -14.54
N TYR B 147 -6.88 23.04 -13.59
CA TYR B 147 -7.03 21.61 -13.36
C TYR B 147 -8.47 21.33 -12.97
N PHE B 148 -8.99 22.15 -12.06
CA PHE B 148 -10.37 22.03 -11.59
C PHE B 148 -11.34 22.12 -12.75
N VAL B 149 -11.05 23.05 -13.67
CA VAL B 149 -11.91 23.24 -14.83
C VAL B 149 -11.88 21.97 -15.67
N TRP B 150 -10.68 21.49 -15.96
CA TRP B 150 -10.52 20.28 -16.76
C TRP B 150 -11.11 19.08 -16.06
N ALA B 151 -10.77 18.90 -14.78
CA ALA B 151 -11.30 17.78 -13.99
C ALA B 151 -12.83 17.68 -14.11
N LYS B 152 -13.53 18.80 -13.91
CA LYS B 152 -14.99 18.77 -14.00
C LYS B 152 -15.47 18.34 -15.37
N LYS B 153 -14.83 18.83 -16.43
CA LYS B 153 -15.21 18.49 -17.82
C LYS B 153 -15.14 16.97 -18.06
N VAL B 154 -14.15 16.32 -17.46
CA VAL B 154 -13.99 14.89 -17.58
C VAL B 154 -15.09 14.23 -16.75
N VAL B 155 -15.20 14.69 -15.50
CA VAL B 155 -16.19 14.18 -14.54
C VAL B 155 -17.63 14.34 -15.03
N ASP B 156 -17.86 15.31 -15.91
CA ASP B 156 -19.20 15.54 -16.46
C ASP B 156 -19.55 14.51 -17.53
N ASN B 157 -18.53 13.96 -18.20
CA ASN B 157 -18.79 12.95 -19.23
C ASN B 157 -18.66 11.53 -18.65
N LEU B 158 -18.47 11.46 -17.34
CA LEU B 158 -18.34 10.18 -16.64
C LEU B 158 -19.53 9.93 -15.73
N ARG B 159 -20.36 10.97 -15.57
CA ARG B 159 -21.56 10.92 -14.73
C ARG B 159 -22.39 9.67 -15.01
N GLY B 160 -23.46 9.48 -14.24
CA GLY B 160 -24.31 8.31 -14.42
C GLY B 160 -23.68 7.01 -13.92
N THR B 161 -22.44 7.10 -13.43
CA THR B 161 -21.70 5.94 -12.92
C THR B 161 -22.00 5.60 -11.47
N ASN B 162 -21.43 6.36 -10.54
CA ASN B 162 -21.65 6.13 -9.11
C ASN B 162 -22.23 7.38 -8.46
N ALA B 163 -23.44 7.27 -7.93
CA ALA B 163 -24.07 8.42 -7.31
C ALA B 163 -23.22 8.99 -6.18
N ASN B 164 -22.69 8.12 -5.35
CA ASN B 164 -21.89 8.55 -4.21
C ASN B 164 -20.58 9.24 -4.56
N LEU B 165 -19.81 8.63 -5.47
CA LEU B 165 -18.53 9.21 -5.88
C LEU B 165 -18.80 10.56 -6.54
N GLU B 166 -19.64 10.57 -7.56
CA GLU B 166 -19.97 11.81 -8.27
C GLU B 166 -20.48 12.88 -7.31
N LEU B 167 -21.29 12.47 -6.33
CA LEU B 167 -21.84 13.41 -5.33
C LEU B 167 -20.70 14.16 -4.66
N LYS B 168 -19.80 13.40 -4.05
CA LYS B 168 -18.65 13.93 -3.36
C LYS B 168 -17.84 14.80 -4.30
N LEU B 169 -17.81 14.42 -5.57
CA LEU B 169 -17.08 15.19 -6.55
C LEU B 169 -17.73 16.55 -6.65
N ASP B 170 -19.04 16.55 -6.82
CA ASP B 170 -19.78 17.80 -6.93
C ASP B 170 -19.62 18.69 -5.71
N GLU B 171 -19.45 18.07 -4.55
CA GLU B 171 -19.27 18.81 -3.33
C GLU B 171 -17.93 19.55 -3.38
N ILE B 172 -17.00 19.04 -4.19
CA ILE B 172 -15.69 19.66 -4.34
C ILE B 172 -15.75 20.83 -5.33
N PHE B 173 -16.70 20.76 -6.26
CA PHE B 173 -16.87 21.81 -7.24
C PHE B 173 -17.76 22.92 -6.66
N ARG B 174 -18.70 22.54 -5.79
CA ARG B 174 -19.57 23.52 -5.17
C ARG B 174 -18.74 24.48 -4.32
N GLN B 175 -17.96 23.93 -3.40
CA GLN B 175 -17.11 24.74 -2.52
C GLN B 175 -16.27 25.71 -3.32
N ARG B 176 -15.51 25.16 -4.27
CA ARG B 176 -14.64 25.95 -5.13
C ARG B 176 -15.41 26.98 -5.95
N GLY B 177 -16.61 26.61 -6.39
CA GLY B 177 -17.42 27.53 -7.16
C GLY B 177 -17.47 27.23 -8.64
N LEU B 178 -17.75 25.98 -8.98
CA LEU B 178 -17.84 25.54 -10.39
C LEU B 178 -19.24 24.99 -10.72
N LEU B 179 -20.09 24.90 -9.70
CA LEU B 179 -21.46 24.41 -9.86
C LEU B 179 -22.26 24.69 -8.60
#